data_1MRC
#
_entry.id   1MRC
#
_cell.length_a   66.400
_cell.length_b   75.700
_cell.length_c   106.500
_cell.angle_alpha   90.00
_cell.angle_beta   90.00
_cell.angle_gamma   90.00
#
_symmetry.space_group_name_H-M   'P 21 21 21'
#
loop_
_entity.id
_entity.type
_entity.pdbx_description
1 polymer 'IGG2B-KAPPA JEL103 FAB (LIGHT CHAIN)'
2 polymer 'IGG2B-KAPPA JEL103 FAB (HEAVY CHAIN)'
3 non-polymer 'ZINC ION'
4 non-polymer 'SULFATE ION'
5 non-polymer IMIDAZOLE
6 water water
#
loop_
_entity_poly.entity_id
_entity_poly.type
_entity_poly.pdbx_seq_one_letter_code
_entity_poly.pdbx_strand_id
1 'polypeptide(L)'
;DVVMTQTPLSLPVSLGDQASISCRSSQSLVHSNGNTYLHWYLQKPGQSPKLLIYKVSNRFSGVPDRFSGSGSGTDFTLKI
SRVEAEDLGVYFCSQSTHVPRTFGGGTKLEIKRADAAPTVSIFPPSSEQLTSGGASVVCFLNNFYPKDINVKWKIDGKER
QNGVLNSWTDQNSKDSTYSMSSTLTLTKDEYERHNSYTCEATHKTSTSPIVKSFNRNEC
;
L
2 'polypeptide(L)'
;QVQLQQSGAELVKPGASVKLSCKASGYTFTSYWMQWVKQRPGQGLEWIGEIDPSDSYTNYNQKFKGKATLTVDTSSSTAY
MQLSSLTSEDSAVYYCANLRGYFDYWGQGTTLTVSSAKTTPPSVYPLAPGCGDTTGSSVTLGCLVKGYFPESVTVTWNSG
SLSSSVHTFPALLQSGLYTMSSSVTVPSSTWPSQTVTCSVAHPASSTTVDKKLEP
;
H
#
loop_
_chem_comp.id
_chem_comp.type
_chem_comp.name
_chem_comp.formula
IMD non-polymer IMIDAZOLE 'C3 H5 N2 1'
SO4 non-polymer 'SULFATE ION' 'O4 S -2'
ZN non-polymer 'ZINC ION' 'Zn 2'
#
# COMPACT_ATOMS: atom_id res chain seq x y z
N ASP A 1 4.93 27.37 2.05
CA ASP A 1 6.31 27.08 1.60
C ASP A 1 7.21 26.66 2.77
N VAL A 2 8.50 26.55 2.46
CA VAL A 2 9.59 26.09 3.34
C VAL A 2 9.67 24.64 2.91
N VAL A 3 10.72 24.27 2.19
CA VAL A 3 10.82 22.91 1.74
C VAL A 3 11.60 22.08 2.74
N MET A 4 11.05 20.91 3.04
CA MET A 4 11.68 19.95 3.95
C MET A 4 12.29 18.88 3.06
N THR A 5 13.57 18.63 3.20
CA THR A 5 14.17 17.60 2.38
C THR A 5 14.74 16.54 3.29
N GLN A 6 14.56 15.29 2.93
CA GLN A 6 15.08 14.20 3.74
C GLN A 6 16.20 13.48 3.04
N THR A 7 17.10 12.92 3.84
CA THR A 7 18.23 12.19 3.33
C THR A 7 18.50 11.15 4.41
N PRO A 8 18.60 9.87 4.02
CA PRO A 8 18.49 9.37 2.65
C PRO A 8 17.05 9.17 2.23
N LEU A 9 16.84 8.74 0.99
CA LEU A 9 15.49 8.50 0.48
C LEU A 9 15.07 7.06 0.75
N SER A 10 16.06 6.17 0.81
CA SER A 10 15.87 4.75 1.09
C SER A 10 16.99 4.43 2.05
N LEU A 11 16.67 3.75 3.14
CA LEU A 11 17.66 3.47 4.14
C LEU A 11 17.56 2.01 4.53
N PRO A 12 18.55 1.21 4.11
CA PRO A 12 18.62 -0.23 4.41
C PRO A 12 19.38 -0.40 5.71
N VAL A 13 18.89 -1.26 6.59
CA VAL A 13 19.55 -1.46 7.87
C VAL A 13 19.20 -2.83 8.40
N SER A 14 20.18 -3.52 8.94
CA SER A 14 19.94 -4.84 9.48
C SER A 14 19.31 -4.73 10.84
N LEU A 15 18.60 -5.77 11.25
CA LEU A 15 17.93 -5.78 12.54
C LEU A 15 18.91 -5.60 13.70
N GLY A 16 18.51 -4.81 14.70
CA GLY A 16 19.33 -4.56 15.87
C GLY A 16 20.32 -3.42 15.75
N ASP A 17 20.45 -2.87 14.54
CA ASP A 17 21.35 -1.75 14.27
C ASP A 17 20.61 -0.45 14.48
N GLN A 18 21.37 0.64 14.44
CA GLN A 18 20.85 1.99 14.61
C GLN A 18 20.59 2.54 13.23
N ALA A 19 19.62 3.43 13.11
CA ALA A 19 19.29 4.04 11.82
C ALA A 19 19.10 5.53 12.04
N SER A 20 19.64 6.34 11.13
CA SER A 20 19.52 7.79 11.23
C SER A 20 18.91 8.34 9.94
N ILE A 21 17.91 9.20 10.10
CA ILE A 21 17.18 9.81 9.01
C ILE A 21 17.26 11.33 9.21
N SER A 22 17.74 12.03 8.19
CA SER A 22 17.90 13.48 8.26
C SER A 22 16.85 14.27 7.49
N CYS A 23 16.44 15.39 8.08
CA CYS A 23 15.43 16.27 7.49
C CYS A 23 15.97 17.65 7.71
N ARG A 24 16.07 18.43 6.62
CA ARG A 24 16.60 19.80 6.70
C ARG A 24 15.58 20.73 6.09
N SER A 25 15.52 21.95 6.61
CA SER A 25 14.55 22.90 6.10
C SER A 25 15.14 24.09 5.34
N SER A 26 14.33 24.61 4.43
CA SER A 26 14.73 25.76 3.61
C SER A 26 14.63 27.11 4.35
N GLN A 27 14.27 27.06 5.63
CA GLN A 27 14.12 28.24 6.49
C GLN A 27 14.27 27.78 7.94
N SER A 28 14.52 28.71 8.85
CA SER A 28 14.66 28.36 10.26
C SER A 28 13.31 27.89 10.73
N LEU A 29 13.29 26.89 11.59
CA LEU A 29 12.03 26.35 12.08
C LEU A 29 11.68 26.86 13.47
N VAL A 30 12.52 27.75 14.00
CA VAL A 30 12.27 28.28 15.34
C VAL A 30 11.22 29.36 15.29
N HIS A 31 10.07 29.10 15.91
CA HIS A 31 8.96 30.05 15.95
C HIS A 31 9.37 31.28 16.75
N SER A 32 8.65 32.38 16.60
CA SER A 32 9.02 33.58 17.36
C SER A 32 8.77 33.37 18.85
N ASN A 33 7.94 32.40 19.19
CA ASN A 33 7.69 32.13 20.60
C ASN A 33 8.75 31.22 21.20
N GLY A 34 9.77 30.89 20.41
CA GLY A 34 10.85 30.04 20.89
C GLY A 34 10.71 28.54 20.67
N ASN A 35 9.55 28.08 20.26
CA ASN A 35 9.34 26.65 20.02
C ASN A 35 9.78 26.29 18.60
N THR A 36 10.24 25.06 18.40
CA THR A 36 10.61 24.60 17.07
C THR A 36 9.59 23.51 16.86
N TYR A 37 8.69 23.75 15.93
CA TYR A 37 7.66 22.80 15.63
C TYR A 37 8.06 21.87 14.47
N LEU A 38 8.95 20.94 14.78
CA LEU A 38 9.42 19.90 13.84
C LEU A 38 8.84 18.57 14.36
N HIS A 39 8.29 17.75 13.46
CA HIS A 39 7.66 16.49 13.86
C HIS A 39 8.06 15.37 12.93
N TRP A 40 7.95 14.14 13.41
CA TRP A 40 8.27 12.95 12.63
C TRP A 40 7.11 11.99 12.74
N TYR A 41 6.70 11.43 11.61
CA TYR A 41 5.61 10.47 11.53
C TYR A 41 6.12 9.19 10.91
N LEU A 42 5.39 8.10 11.09
CA LEU A 42 5.77 6.82 10.48
C LEU A 42 4.52 6.33 9.77
N GLN A 43 4.62 6.16 8.46
CA GLN A 43 3.47 5.67 7.73
C GLN A 43 3.69 4.25 7.31
N LYS A 44 2.83 3.38 7.80
CA LYS A 44 2.89 1.98 7.44
C LYS A 44 1.88 1.78 6.33
N PRO A 45 2.19 0.88 5.38
CA PRO A 45 1.37 0.53 4.21
C PRO A 45 -0.11 0.36 4.50
N GLY A 46 -0.90 1.08 3.69
CA GLY A 46 -2.34 1.05 3.83
C GLY A 46 -2.79 1.60 5.16
N GLN A 47 -2.05 2.58 5.67
CA GLN A 47 -2.38 3.20 6.95
C GLN A 47 -2.05 4.68 6.94
N SER A 48 -2.79 5.45 7.73
CA SER A 48 -2.56 6.89 7.84
C SER A 48 -1.30 7.05 8.68
N PRO A 49 -0.62 8.19 8.57
CA PRO A 49 0.60 8.37 9.35
C PRO A 49 0.33 8.48 10.85
N LYS A 50 1.27 8.02 11.65
CA LYS A 50 1.17 8.07 13.10
C LYS A 50 2.37 8.85 13.59
N LEU A 51 2.13 9.70 14.57
CA LEU A 51 3.19 10.52 15.11
C LEU A 51 4.15 9.72 16.00
N LEU A 52 5.45 10.00 15.86
CA LEU A 52 6.48 9.37 16.72
C LEU A 52 6.97 10.44 17.67
N ILE A 53 7.49 11.52 17.10
CA ILE A 53 8.07 12.60 17.87
C ILE A 53 7.58 13.99 17.43
N TYR A 54 7.26 14.84 18.40
CA TYR A 54 6.80 16.18 18.08
C TYR A 54 7.71 17.16 18.79
N LYS A 55 7.77 18.39 18.26
CA LYS A 55 8.62 19.42 18.82
C LYS A 55 10.05 18.93 19.03
N VAL A 56 10.58 18.36 17.96
CA VAL A 56 11.95 17.87 17.92
C VAL A 56 12.29 16.60 18.69
N SER A 57 11.98 16.55 19.98
CA SER A 57 12.36 15.37 20.77
C SER A 57 11.36 14.80 21.77
N ASN A 58 10.11 15.19 21.69
CA ASN A 58 9.13 14.70 22.61
C ASN A 58 8.39 13.54 21.98
N ARG A 59 8.25 12.45 22.73
CA ARG A 59 7.53 11.27 22.25
C ARG A 59 6.03 11.29 22.49
N PHE A 60 5.31 10.74 21.53
CA PHE A 60 3.86 10.66 21.59
C PHE A 60 3.61 9.43 22.45
N SER A 61 2.46 9.42 23.13
CA SER A 61 2.09 8.29 24.00
C SER A 61 2.21 6.92 23.35
N GLY A 62 3.05 6.09 23.97
CA GLY A 62 3.26 4.73 23.50
C GLY A 62 4.61 4.52 22.86
N VAL A 63 5.05 5.48 22.05
CA VAL A 63 6.30 5.39 21.32
C VAL A 63 7.49 5.03 22.21
N PRO A 64 8.17 3.91 21.91
CA PRO A 64 9.31 3.43 22.68
C PRO A 64 10.57 4.25 22.48
N ASP A 65 11.38 4.25 23.53
CA ASP A 65 12.63 4.97 23.59
C ASP A 65 13.68 4.66 22.51
N ARG A 66 13.43 3.69 21.64
CA ARG A 66 14.41 3.39 20.56
C ARG A 66 14.50 4.67 19.70
N PHE A 67 13.35 5.32 19.54
CA PHE A 67 13.21 6.55 18.77
C PHE A 67 13.59 7.80 19.56
N SER A 68 14.44 8.62 18.96
CA SER A 68 14.88 9.86 19.58
C SER A 68 15.05 10.93 18.50
N GLY A 69 14.61 12.14 18.79
CA GLY A 69 14.74 13.20 17.81
C GLY A 69 15.71 14.21 18.34
N SER A 70 16.46 14.85 17.45
CA SER A 70 17.42 15.86 17.83
C SER A 70 17.41 16.86 16.70
N GLY A 71 18.14 17.95 16.88
CA GLY A 71 18.18 18.97 15.84
C GLY A 71 18.04 20.38 16.34
N SER A 72 18.05 21.33 15.42
CA SER A 72 17.98 22.72 15.80
C SER A 72 17.90 23.57 14.55
N GLY A 73 17.11 24.62 14.61
CA GLY A 73 16.99 25.51 13.47
C GLY A 73 16.57 24.89 12.17
N THR A 74 17.54 24.46 11.35
CA THR A 74 17.26 23.87 10.05
C THR A 74 17.63 22.41 9.86
N ASP A 75 18.44 21.84 10.76
CA ASP A 75 18.85 20.44 10.62
C ASP A 75 18.36 19.55 11.76
N PHE A 76 17.54 18.57 11.42
CA PHE A 76 16.95 17.62 12.38
C PHE A 76 17.23 16.16 12.04
N THR A 77 17.31 15.33 13.08
CA THR A 77 17.64 13.90 12.93
C THR A 77 16.81 12.91 13.78
N LEU A 78 16.24 11.91 13.12
CA LEU A 78 15.49 10.86 13.80
C LEU A 78 16.45 9.68 13.90
N LYS A 79 16.68 9.17 15.10
CA LYS A 79 17.57 8.02 15.28
C LYS A 79 16.72 6.88 15.81
N ILE A 80 17.10 5.66 15.43
CA ILE A 80 16.40 4.48 15.91
C ILE A 80 17.54 3.65 16.49
N SER A 81 17.42 3.30 17.76
CA SER A 81 18.45 2.53 18.47
C SER A 81 18.60 1.05 18.08
N ARG A 82 17.49 0.33 17.95
CA ARG A 82 17.57 -1.08 17.57
C ARG A 82 16.46 -1.34 16.58
N VAL A 83 16.76 -1.20 15.29
CA VAL A 83 15.74 -1.42 14.27
C VAL A 83 15.15 -2.79 14.45
N GLU A 84 13.83 -2.88 14.31
CA GLU A 84 13.10 -4.14 14.42
C GLU A 84 12.20 -4.18 13.22
N ALA A 85 11.88 -5.39 12.75
CA ALA A 85 11.05 -5.55 11.57
C ALA A 85 9.75 -4.74 11.62
N GLU A 86 9.20 -4.59 12.81
CA GLU A 86 7.99 -3.83 13.02
C GLU A 86 8.19 -2.33 12.72
N ASP A 87 9.43 -1.94 12.48
CA ASP A 87 9.75 -0.55 12.20
C ASP A 87 9.75 -0.15 10.75
N LEU A 88 9.65 -1.10 9.84
CA LEU A 88 9.67 -0.72 8.42
C LEU A 88 8.46 0.10 8.02
N GLY A 89 8.68 1.02 7.09
CA GLY A 89 7.63 1.88 6.60
C GLY A 89 8.34 3.12 6.08
N VAL A 90 7.58 4.20 5.85
CA VAL A 90 8.15 5.47 5.37
C VAL A 90 8.07 6.54 6.48
N TYR A 91 9.23 7.11 6.83
CA TYR A 91 9.29 8.15 7.85
C TYR A 91 9.28 9.50 7.17
N PHE A 92 8.46 10.39 7.68
CA PHE A 92 8.32 11.72 7.14
C PHE A 92 8.61 12.72 8.25
N CYS A 93 9.05 13.91 7.89
CA CYS A 93 9.23 14.96 8.88
C CYS A 93 8.24 16.03 8.45
N SER A 94 7.82 16.86 9.39
CA SER A 94 6.84 17.87 9.11
C SER A 94 7.23 19.09 9.92
N GLN A 95 6.76 20.26 9.54
CA GLN A 95 7.02 21.46 10.31
C GLN A 95 5.71 22.24 10.35
N SER A 96 5.40 22.78 11.51
CA SER A 96 4.19 23.56 11.63
C SER A 96 4.51 24.94 12.22
N THR A 97 5.77 25.36 12.14
CA THR A 97 6.16 26.69 12.61
C THR A 97 5.61 27.74 11.64
N HIS A 98 5.73 27.45 10.35
CA HIS A 98 5.28 28.33 9.27
C HIS A 98 4.03 27.83 8.57
N VAL A 99 3.16 28.76 8.14
CA VAL A 99 1.93 28.45 7.42
C VAL A 99 2.19 28.57 5.90
N PRO A 100 1.82 27.55 5.10
CA PRO A 100 1.20 26.26 5.36
C PRO A 100 2.17 25.22 5.98
N ARG A 101 1.64 24.31 6.78
CA ARG A 101 2.50 23.30 7.37
C ARG A 101 2.97 22.49 6.18
N THR A 102 4.21 22.03 6.25
CA THR A 102 4.83 21.37 5.15
C THR A 102 5.48 20.03 5.56
N PHE A 103 5.50 19.04 4.66
CA PHE A 103 6.10 17.73 4.98
C PHE A 103 7.33 17.47 4.15
N GLY A 104 8.08 16.44 4.51
CA GLY A 104 9.24 16.04 3.74
C GLY A 104 8.77 15.00 2.74
N GLY A 105 9.69 14.38 2.01
CA GLY A 105 9.32 13.36 1.03
C GLY A 105 9.18 11.95 1.56
N GLY A 106 10.10 11.54 2.42
CA GLY A 106 10.05 10.23 2.99
C GLY A 106 11.37 9.52 2.90
N THR A 107 11.61 8.60 3.81
CA THR A 107 12.83 7.81 3.81
C THR A 107 12.25 6.45 4.09
N LYS A 108 12.27 5.59 3.07
CA LYS A 108 11.74 4.25 3.22
C LYS A 108 12.85 3.45 3.90
N LEU A 109 12.57 2.96 5.10
CA LEU A 109 13.54 2.16 5.82
C LEU A 109 13.27 0.73 5.43
N GLU A 110 14.31 0.01 5.02
CA GLU A 110 14.16 -1.39 4.64
C GLU A 110 15.22 -2.24 5.32
N ILE A 111 14.81 -3.42 5.80
CA ILE A 111 15.71 -4.31 6.50
C ILE A 111 16.66 -5.11 5.62
N LYS A 112 17.88 -5.31 6.12
CA LYS A 112 18.89 -6.10 5.46
C LYS A 112 18.82 -7.43 6.18
N ARG A 113 18.66 -8.50 5.43
CA ARG A 113 18.57 -9.83 6.04
C ARG A 113 19.37 -10.79 5.16
N ALA A 114 19.51 -12.03 5.62
CA ALA A 114 20.26 -13.04 4.88
C ALA A 114 19.57 -13.42 3.58
N ASP A 115 20.38 -13.72 2.57
CA ASP A 115 19.86 -14.11 1.27
C ASP A 115 18.89 -15.26 1.40
N ALA A 116 17.85 -15.20 0.56
CA ALA A 116 16.81 -16.22 0.50
C ALA A 116 16.44 -16.43 -0.94
N ALA A 117 16.30 -17.69 -1.33
CA ALA A 117 15.94 -18.03 -2.70
C ALA A 117 14.43 -18.08 -2.76
N PRO A 118 13.86 -17.72 -3.91
CA PRO A 118 12.41 -17.75 -4.00
C PRO A 118 11.86 -19.17 -4.12
N THR A 119 10.59 -19.34 -3.77
CA THR A 119 9.95 -20.65 -3.94
C THR A 119 8.91 -20.36 -5.03
N VAL A 120 9.16 -20.94 -6.20
CA VAL A 120 8.30 -20.73 -7.36
C VAL A 120 7.15 -21.70 -7.37
N SER A 121 6.05 -21.27 -7.95
CA SER A 121 4.85 -22.06 -8.02
C SER A 121 4.24 -21.58 -9.30
N ILE A 122 3.69 -22.50 -10.08
CA ILE A 122 3.09 -22.12 -11.35
C ILE A 122 1.71 -22.78 -11.32
N PHE A 123 0.72 -22.09 -11.88
CA PHE A 123 -0.64 -22.60 -11.88
C PHE A 123 -1.18 -22.45 -13.27
N PRO A 124 -1.76 -23.53 -13.82
CA PRO A 124 -2.32 -23.41 -15.17
C PRO A 124 -3.66 -22.67 -15.07
N PRO A 125 -4.25 -22.30 -16.21
CA PRO A 125 -5.54 -21.59 -16.22
C PRO A 125 -6.61 -22.50 -15.63
N SER A 126 -7.60 -21.90 -14.99
CA SER A 126 -8.68 -22.69 -14.42
C SER A 126 -9.73 -22.94 -15.49
N SER A 127 -10.54 -23.95 -15.23
CA SER A 127 -11.62 -24.35 -16.11
C SER A 127 -12.55 -23.17 -16.27
N GLU A 128 -12.77 -22.48 -15.16
CA GLU A 128 -13.66 -21.34 -15.14
C GLU A 128 -13.17 -20.24 -16.05
N GLN A 129 -11.89 -19.91 -15.98
CA GLN A 129 -11.41 -18.86 -16.83
C GLN A 129 -11.46 -19.28 -18.28
N LEU A 130 -11.05 -20.51 -18.54
CA LEU A 130 -11.03 -21.14 -19.87
C LEU A 130 -12.38 -21.07 -20.57
N THR A 131 -13.45 -21.41 -19.85
CA THR A 131 -14.78 -21.39 -20.44
C THR A 131 -15.24 -19.99 -20.80
N SER A 132 -14.49 -18.98 -20.38
CA SER A 132 -14.83 -17.60 -20.68
C SER A 132 -14.01 -17.07 -21.87
N GLY A 133 -13.16 -17.95 -22.43
CA GLY A 133 -12.34 -17.60 -23.57
C GLY A 133 -10.91 -17.12 -23.37
N GLY A 134 -10.52 -16.82 -22.14
CA GLY A 134 -9.17 -16.34 -21.88
C GLY A 134 -8.37 -17.32 -21.05
N ALA A 135 -7.05 -17.15 -20.95
CA ALA A 135 -6.23 -18.06 -20.18
C ALA A 135 -5.02 -17.37 -19.59
N SER A 136 -5.06 -17.16 -18.29
CA SER A 136 -3.97 -16.56 -17.55
C SER A 136 -3.21 -17.69 -16.89
N VAL A 137 -1.90 -17.76 -17.08
CA VAL A 137 -1.12 -18.76 -16.39
C VAL A 137 -0.31 -17.88 -15.42
N VAL A 138 -0.38 -18.18 -14.12
CA VAL A 138 0.23 -17.38 -13.04
C VAL A 138 1.40 -18.05 -12.39
N CYS A 139 2.38 -17.27 -11.96
CA CYS A 139 3.58 -17.79 -11.32
C CYS A 139 3.91 -16.89 -10.13
N PHE A 140 4.11 -17.49 -8.95
CA PHE A 140 4.45 -16.72 -7.73
C PHE A 140 5.88 -17.06 -7.34
N LEU A 141 6.67 -16.04 -7.05
CA LEU A 141 8.05 -16.26 -6.59
C LEU A 141 8.02 -15.64 -5.18
N ASN A 142 7.81 -16.48 -4.18
CA ASN A 142 7.66 -16.02 -2.81
C ASN A 142 8.81 -16.10 -1.81
N ASN A 143 8.88 -15.07 -0.98
CA ASN A 143 9.85 -15.01 0.08
C ASN A 143 11.32 -15.04 -0.30
N PHE A 144 11.75 -14.12 -1.15
CA PHE A 144 13.16 -14.06 -1.53
C PHE A 144 13.80 -12.76 -1.08
N TYR A 145 15.12 -12.74 -1.04
CA TYR A 145 15.86 -11.56 -0.67
C TYR A 145 17.23 -11.65 -1.33
N PRO A 146 17.69 -10.58 -2.00
CA PRO A 146 17.25 -9.21 -2.33
C PRO A 146 16.14 -9.12 -3.37
N LYS A 147 15.51 -7.95 -3.46
CA LYS A 147 14.39 -7.71 -4.37
C LYS A 147 14.68 -7.89 -5.84
N ASP A 148 15.94 -8.07 -6.18
CA ASP A 148 16.30 -8.22 -7.58
C ASP A 148 16.10 -9.63 -8.07
N ILE A 149 15.21 -9.76 -9.04
CA ILE A 149 14.89 -11.05 -9.60
C ILE A 149 14.38 -10.81 -11.02
N ASN A 150 14.68 -11.74 -11.92
CA ASN A 150 14.22 -11.62 -13.30
C ASN A 150 13.41 -12.88 -13.64
N VAL A 151 12.24 -12.66 -14.23
CA VAL A 151 11.34 -13.75 -14.58
C VAL A 151 11.24 -13.86 -16.10
N LYS A 152 11.15 -15.09 -16.59
CA LYS A 152 11.07 -15.33 -18.02
C LYS A 152 10.04 -16.39 -18.31
N TRP A 153 9.14 -16.09 -19.26
CA TRP A 153 8.14 -17.06 -19.65
C TRP A 153 8.61 -17.70 -20.91
N LYS A 154 8.42 -19.02 -21.01
CA LYS A 154 8.82 -19.75 -22.21
C LYS A 154 7.69 -20.69 -22.55
N ILE A 155 7.21 -20.58 -23.79
CA ILE A 155 6.14 -21.43 -24.25
C ILE A 155 6.74 -22.38 -25.23
N ASP A 156 6.90 -23.62 -24.79
CA ASP A 156 7.49 -24.67 -25.58
C ASP A 156 8.91 -24.23 -25.90
N GLY A 157 9.65 -23.87 -24.85
CA GLY A 157 11.02 -23.45 -25.02
C GLY A 157 11.20 -22.13 -25.73
N LYS A 158 10.13 -21.49 -26.17
CA LYS A 158 10.24 -20.21 -26.86
C LYS A 158 9.85 -19.07 -25.91
N GLU A 159 10.78 -18.14 -25.70
CA GLU A 159 10.56 -17.01 -24.80
C GLU A 159 9.38 -16.09 -25.15
N ARG A 160 8.56 -15.81 -24.15
CA ARG A 160 7.40 -14.97 -24.31
C ARG A 160 7.61 -13.67 -23.54
N GLN A 161 7.51 -12.54 -24.25
CA GLN A 161 7.73 -11.26 -23.61
C GLN A 161 6.54 -10.32 -23.56
N ASN A 162 5.59 -10.48 -24.46
CA ASN A 162 4.40 -9.62 -24.50
C ASN A 162 3.20 -10.25 -23.80
N GLY A 163 2.47 -9.46 -23.04
CA GLY A 163 1.30 -9.99 -22.37
C GLY A 163 1.57 -10.46 -20.97
N VAL A 164 2.75 -10.17 -20.43
CA VAL A 164 3.03 -10.59 -19.08
C VAL A 164 3.03 -9.41 -18.13
N LEU A 165 2.39 -9.60 -16.98
CA LEU A 165 2.30 -8.57 -15.94
C LEU A 165 3.06 -9.03 -14.71
N ASN A 166 3.82 -8.13 -14.11
CA ASN A 166 4.58 -8.46 -12.90
C ASN A 166 4.29 -7.49 -11.77
N SER A 167 3.96 -8.02 -10.59
CA SER A 167 3.67 -7.21 -9.43
C SER A 167 4.58 -7.65 -8.27
N TRP A 168 5.15 -6.68 -7.58
CA TRP A 168 6.02 -6.94 -6.45
C TRP A 168 5.26 -6.68 -5.17
N THR A 169 5.89 -7.08 -4.09
CA THR A 169 5.34 -6.90 -2.79
C THR A 169 6.35 -6.06 -2.03
N ASP A 170 5.88 -5.22 -1.12
CA ASP A 170 6.77 -4.42 -0.29
C ASP A 170 7.47 -5.44 0.60
N GLN A 171 8.55 -5.06 1.27
CA GLN A 171 9.25 -6.01 2.13
C GLN A 171 8.26 -6.54 3.19
N ASN A 172 8.21 -7.85 3.35
CA ASN A 172 7.29 -8.43 4.31
C ASN A 172 7.68 -8.08 5.73
N SER A 173 6.74 -7.51 6.46
CA SER A 173 6.94 -7.10 7.84
C SER A 173 7.25 -8.24 8.80
N LYS A 174 6.96 -9.47 8.38
CA LYS A 174 7.20 -10.65 9.21
C LYS A 174 8.60 -11.21 9.11
N ASP A 175 9.13 -11.31 7.89
CA ASP A 175 10.46 -11.87 7.70
C ASP A 175 11.35 -11.14 6.71
N SER A 176 11.03 -9.89 6.44
CA SER A 176 11.83 -9.06 5.54
C SER A 176 12.14 -9.57 4.12
N THR A 177 11.44 -10.59 3.67
CA THR A 177 11.65 -11.13 2.34
C THR A 177 10.71 -10.41 1.39
N TYR A 178 10.84 -10.62 0.09
CA TYR A 178 9.98 -10.01 -0.93
C TYR A 178 9.24 -11.12 -1.69
N SER A 179 8.30 -10.75 -2.53
CA SER A 179 7.53 -11.72 -3.30
C SER A 179 7.19 -11.05 -4.61
N MET A 180 6.71 -11.83 -5.58
CA MET A 180 6.34 -11.27 -6.86
C MET A 180 5.40 -12.22 -7.60
N SER A 181 4.53 -11.68 -8.44
CA SER A 181 3.63 -12.51 -9.23
C SER A 181 3.90 -12.14 -10.67
N SER A 182 4.02 -13.13 -11.53
CA SER A 182 4.20 -12.89 -12.95
C SER A 182 3.04 -13.61 -13.56
N THR A 183 2.27 -12.93 -14.40
CA THR A 183 1.09 -13.48 -15.03
C THR A 183 1.11 -13.36 -16.57
N LEU A 184 1.13 -14.49 -17.25
CA LEU A 184 1.10 -14.54 -18.70
C LEU A 184 -0.34 -14.79 -19.08
N THR A 185 -0.94 -13.87 -19.80
CA THR A 185 -2.33 -14.04 -20.19
C THR A 185 -2.46 -14.19 -21.71
N LEU A 186 -3.24 -15.17 -22.15
CA LEU A 186 -3.42 -15.41 -23.57
C LEU A 186 -4.87 -15.78 -23.80
N THR A 187 -5.25 -15.99 -25.06
CA THR A 187 -6.62 -16.40 -25.35
C THR A 187 -6.65 -17.90 -25.15
N LYS A 188 -7.85 -18.48 -25.10
CA LYS A 188 -8.05 -19.93 -24.94
C LYS A 188 -7.32 -20.65 -26.07
N ASP A 189 -7.50 -20.14 -27.27
CA ASP A 189 -6.94 -20.70 -28.48
C ASP A 189 -5.41 -20.71 -28.50
N GLU A 190 -4.77 -19.57 -28.26
CA GLU A 190 -3.30 -19.53 -28.21
C GLU A 190 -2.89 -20.57 -27.17
N TYR A 191 -3.54 -20.54 -26.01
CA TYR A 191 -3.21 -21.48 -24.94
C TYR A 191 -3.32 -22.95 -25.33
N GLU A 192 -4.42 -23.33 -25.97
CA GLU A 192 -4.65 -24.72 -26.36
C GLU A 192 -3.70 -25.23 -27.45
N ARG A 193 -3.03 -24.30 -28.13
CA ARG A 193 -2.10 -24.68 -29.18
C ARG A 193 -0.77 -25.18 -28.67
N HIS A 194 -0.36 -24.82 -27.45
CA HIS A 194 0.95 -25.23 -26.97
C HIS A 194 0.99 -26.31 -25.88
N ASN A 195 2.17 -26.76 -25.48
CA ASN A 195 2.24 -27.82 -24.47
C ASN A 195 2.90 -27.42 -23.16
N SER A 196 4.18 -27.09 -23.21
CA SER A 196 4.91 -26.70 -22.01
C SER A 196 4.85 -25.22 -21.74
N TYR A 197 4.59 -24.87 -20.49
CA TYR A 197 4.54 -23.49 -20.05
C TYR A 197 5.55 -23.45 -18.91
N THR A 198 6.60 -22.67 -19.11
CA THR A 198 7.70 -22.57 -18.14
C THR A 198 7.87 -21.16 -17.55
N CYS A 199 8.20 -21.13 -16.27
CA CYS A 199 8.43 -19.90 -15.52
C CYS A 199 9.87 -20.05 -15.04
N GLU A 200 10.75 -19.16 -15.53
CA GLU A 200 12.17 -19.20 -15.18
C GLU A 200 12.59 -17.97 -14.39
N ALA A 201 13.29 -18.19 -13.29
CA ALA A 201 13.71 -17.08 -12.47
C ALA A 201 15.19 -17.09 -12.24
N THR A 202 15.80 -15.95 -12.51
CA THR A 202 17.21 -15.79 -12.31
C THR A 202 17.35 -14.91 -11.08
N HIS A 203 17.95 -15.48 -10.04
CA HIS A 203 18.16 -14.79 -8.77
C HIS A 203 19.55 -15.16 -8.31
N LYS A 204 20.27 -14.19 -7.78
CA LYS A 204 21.65 -14.39 -7.33
C LYS A 204 21.90 -15.57 -6.38
N THR A 205 20.90 -15.97 -5.61
CA THR A 205 21.11 -17.09 -4.71
C THR A 205 21.38 -18.39 -5.47
N SER A 206 21.26 -18.32 -6.79
CA SER A 206 21.48 -19.49 -7.64
C SER A 206 22.10 -19.08 -8.96
N THR A 207 23.14 -19.81 -9.36
CA THR A 207 23.83 -19.57 -10.63
C THR A 207 22.89 -20.07 -11.75
N SER A 208 22.23 -21.18 -11.47
CA SER A 208 21.29 -21.79 -12.39
C SER A 208 19.87 -21.33 -12.03
N PRO A 209 19.12 -20.83 -13.03
CA PRO A 209 17.75 -20.34 -12.86
C PRO A 209 16.80 -21.34 -12.24
N ILE A 210 15.91 -20.87 -11.39
CA ILE A 210 14.91 -21.71 -10.76
C ILE A 210 13.87 -21.78 -11.85
N VAL A 211 13.47 -22.98 -12.23
CA VAL A 211 12.50 -23.12 -13.31
C VAL A 211 11.31 -23.89 -12.78
N LYS A 212 10.16 -23.71 -13.41
CA LYS A 212 8.97 -24.42 -13.00
C LYS A 212 8.11 -24.52 -14.22
N SER A 213 7.57 -25.68 -14.50
CA SER A 213 6.73 -25.85 -15.68
C SER A 213 5.59 -26.81 -15.45
N PHE A 214 4.71 -26.87 -16.42
CA PHE A 214 3.64 -27.82 -16.39
C PHE A 214 3.41 -28.10 -17.84
N ASN A 215 3.08 -29.34 -18.14
CA ASN A 215 2.80 -29.69 -19.51
C ASN A 215 1.31 -29.73 -19.59
N ARG A 216 0.75 -29.24 -20.68
CA ARG A 216 -0.69 -29.25 -20.80
C ARG A 216 -1.17 -30.65 -21.25
N GLN B 1 -11.86 6.86 23.15
CA GLN B 1 -10.75 7.72 22.63
C GLN B 1 -11.19 8.42 21.34
N VAL B 2 -10.37 9.35 20.87
CA VAL B 2 -10.66 10.11 19.66
C VAL B 2 -10.80 9.13 18.50
N GLN B 3 -11.86 9.32 17.73
CA GLN B 3 -12.14 8.49 16.57
C GLN B 3 -12.52 9.47 15.48
N LEU B 4 -11.92 9.34 14.31
CA LEU B 4 -12.27 10.23 13.20
C LEU B 4 -12.84 9.33 12.10
N GLN B 5 -14.16 9.23 12.07
CA GLN B 5 -14.90 8.41 11.13
C GLN B 5 -14.96 9.02 9.72
N GLN B 6 -14.30 8.38 8.76
CA GLN B 6 -14.26 8.90 7.39
C GLN B 6 -14.81 7.88 6.41
N SER B 7 -15.29 8.35 5.27
CA SER B 7 -15.79 7.46 4.22
C SER B 7 -14.59 6.66 3.72
N GLY B 8 -14.83 5.54 3.06
CA GLY B 8 -13.73 4.73 2.54
C GLY B 8 -13.20 5.05 1.15
N ALA B 9 -14.10 5.23 0.18
CA ALA B 9 -13.72 5.53 -1.19
C ALA B 9 -14.82 6.32 -1.85
N GLU B 10 -14.49 7.00 -2.95
CA GLU B 10 -15.45 7.81 -3.65
C GLU B 10 -15.04 7.87 -5.09
N LEU B 11 -15.95 7.58 -6.00
CA LEU B 11 -15.64 7.66 -7.43
C LEU B 11 -16.48 8.80 -8.00
N VAL B 12 -15.87 9.72 -8.72
CA VAL B 12 -16.63 10.80 -9.33
C VAL B 12 -16.10 11.08 -10.71
N LYS B 13 -17.00 11.53 -11.58
CA LYS B 13 -16.65 11.84 -12.95
C LYS B 13 -15.95 13.20 -12.95
N PRO B 14 -14.93 13.36 -13.81
CA PRO B 14 -14.22 14.64 -13.87
C PRO B 14 -15.16 15.83 -14.14
N GLY B 15 -14.91 16.94 -13.43
CA GLY B 15 -15.70 18.14 -13.60
C GLY B 15 -16.73 18.37 -12.52
N ALA B 16 -17.09 17.33 -11.78
CA ALA B 16 -18.09 17.48 -10.72
C ALA B 16 -17.44 17.94 -9.42
N SER B 17 -18.28 18.09 -8.40
CA SER B 17 -17.81 18.47 -7.06
C SER B 17 -18.17 17.29 -6.16
N VAL B 18 -17.38 17.08 -5.12
CA VAL B 18 -17.63 15.98 -4.21
C VAL B 18 -17.44 16.54 -2.79
N LYS B 19 -18.24 16.07 -1.84
CA LYS B 19 -18.11 16.55 -0.48
C LYS B 19 -17.88 15.41 0.49
N LEU B 20 -16.64 15.33 0.97
CA LEU B 20 -16.21 14.30 1.90
C LEU B 20 -16.42 14.76 3.34
N SER B 21 -16.92 13.86 4.17
CA SER B 21 -17.15 14.17 5.56
C SER B 21 -16.08 13.55 6.48
N CYS B 22 -16.13 13.91 7.75
CA CYS B 22 -15.19 13.41 8.76
C CYS B 22 -15.95 13.53 10.07
N LYS B 23 -16.49 12.42 10.54
CA LYS B 23 -17.24 12.43 11.79
C LYS B 23 -16.31 12.30 12.96
N ALA B 24 -16.21 13.37 13.72
CA ALA B 24 -15.37 13.40 14.90
C ALA B 24 -16.14 12.86 16.07
N SER B 25 -15.44 12.09 16.90
CA SER B 25 -16.01 11.48 18.09
C SER B 25 -14.90 11.25 19.11
N GLY B 26 -15.29 10.99 20.35
CA GLY B 26 -14.32 10.75 21.40
C GLY B 26 -13.74 11.98 22.07
N TYR B 27 -14.04 13.16 21.54
CA TYR B 27 -13.53 14.40 22.09
C TYR B 27 -14.48 15.55 21.76
N THR B 28 -14.33 16.66 22.48
CA THR B 28 -15.14 17.84 22.25
C THR B 28 -14.58 18.52 21.01
N PHE B 29 -15.32 18.39 19.91
CA PHE B 29 -14.96 18.93 18.61
C PHE B 29 -14.46 20.37 18.70
N THR B 30 -15.21 21.16 19.47
CA THR B 30 -14.97 22.57 19.70
C THR B 30 -13.63 23.01 20.29
N SER B 31 -12.77 22.07 20.66
CA SER B 31 -11.50 22.46 21.26
C SER B 31 -10.27 22.36 20.36
N TYR B 32 -10.37 21.64 19.26
CA TYR B 32 -9.24 21.47 18.36
C TYR B 32 -9.60 21.78 16.92
N TRP B 33 -8.64 22.37 16.19
CA TRP B 33 -8.78 22.70 14.77
C TRP B 33 -8.89 21.40 13.96
N MET B 34 -9.67 21.39 12.90
CA MET B 34 -9.78 20.21 12.06
C MET B 34 -8.93 20.43 10.84
N GLN B 35 -7.88 19.62 10.67
CA GLN B 35 -6.98 19.75 9.52
C GLN B 35 -7.38 18.78 8.42
N TRP B 36 -6.78 18.98 7.23
CA TRP B 36 -7.01 18.13 6.05
C TRP B 36 -5.68 17.97 5.30
N VAL B 37 -5.34 16.74 4.93
CA VAL B 37 -4.10 16.49 4.20
C VAL B 37 -4.39 15.59 2.99
N LYS B 38 -3.70 15.82 1.88
CA LYS B 38 -3.89 15.03 0.67
C LYS B 38 -2.61 14.24 0.39
N GLN B 39 -2.75 12.97 0.01
CA GLN B 39 -1.59 12.13 -0.30
C GLN B 39 -1.84 11.39 -1.60
N ARG B 40 -0.97 11.61 -2.57
CA ARG B 40 -1.06 10.95 -3.86
C ARG B 40 -0.14 9.76 -3.76
N PRO B 41 -0.61 8.58 -4.21
CA PRO B 41 0.05 7.27 -4.26
C PRO B 41 1.56 7.34 -4.13
N GLY B 42 2.15 8.29 -4.86
CA GLY B 42 3.58 8.49 -4.81
C GLY B 42 4.06 9.19 -3.55
N GLN B 43 3.73 8.62 -2.39
CA GLN B 43 4.14 9.10 -1.07
C GLN B 43 3.83 10.54 -0.59
N GLY B 44 4.22 11.56 -1.35
CA GLY B 44 4.00 12.95 -0.97
C GLY B 44 2.80 13.34 -0.12
N LEU B 45 3.01 14.21 0.87
CA LEU B 45 1.96 14.67 1.76
C LEU B 45 1.74 16.20 1.72
N GLU B 46 0.50 16.65 1.53
CA GLU B 46 0.22 18.08 1.43
C GLU B 46 -0.94 18.59 2.30
N TRP B 47 -0.72 19.69 3.02
CA TRP B 47 -1.76 20.27 3.87
C TRP B 47 -2.73 21.07 2.98
N ILE B 48 -4.01 21.08 3.33
CA ILE B 48 -5.02 21.81 2.56
C ILE B 48 -5.68 22.95 3.36
N GLY B 49 -6.02 22.70 4.62
CA GLY B 49 -6.63 23.74 5.43
C GLY B 49 -7.06 23.33 6.82
N GLU B 50 -7.72 24.23 7.54
CA GLU B 50 -8.21 23.97 8.89
C GLU B 50 -9.51 24.74 9.13
N ILE B 51 -10.22 24.38 10.18
CA ILE B 51 -11.50 25.03 10.50
C ILE B 51 -11.90 24.77 11.97
N SER B 56 -16.60 27.95 12.34
CA SER B 56 -16.35 27.85 10.87
C SER B 56 -15.45 28.96 10.34
N TYR B 57 -14.35 29.21 11.05
CA TYR B 57 -13.38 30.22 10.65
C TYR B 57 -12.25 29.44 9.94
N THR B 58 -12.38 29.29 8.63
CA THR B 58 -11.42 28.52 7.84
C THR B 58 -10.11 29.25 7.52
N ASN B 59 -9.02 28.49 7.50
CA ASN B 59 -7.68 28.98 7.17
C ASN B 59 -7.11 28.00 6.13
N TYR B 60 -6.91 28.46 4.90
CA TYR B 60 -6.44 27.60 3.81
C TYR B 60 -5.00 27.74 3.37
N ASN B 61 -4.60 26.74 2.59
CA ASN B 61 -3.29 26.72 1.97
C ASN B 61 -3.67 27.44 0.68
N GLN B 62 -2.78 28.28 0.18
CA GLN B 62 -3.06 29.05 -1.03
C GLN B 62 -3.14 28.24 -2.33
N LYS B 63 -2.52 27.06 -2.35
CA LYS B 63 -2.56 26.22 -3.54
C LYS B 63 -3.93 25.59 -3.70
N PHE B 64 -4.56 25.28 -2.59
CA PHE B 64 -5.86 24.65 -2.63
C PHE B 64 -6.96 25.67 -2.42
N LYS B 65 -6.59 26.92 -2.64
CA LYS B 65 -7.47 28.09 -2.49
C LYS B 65 -8.87 27.90 -3.05
N GLY B 66 -8.96 27.64 -4.35
CA GLY B 66 -10.25 27.48 -4.98
C GLY B 66 -10.71 26.04 -5.18
N LYS B 67 -10.09 25.09 -4.49
CA LYS B 67 -10.47 23.68 -4.63
C LYS B 67 -11.25 23.17 -3.43
N ALA B 68 -10.86 23.62 -2.25
CA ALA B 68 -11.52 23.17 -1.04
C ALA B 68 -12.40 24.26 -0.44
N THR B 69 -13.42 23.83 0.31
CA THR B 69 -14.36 24.72 1.00
C THR B 69 -14.83 23.98 2.26
N LEU B 70 -14.17 24.28 3.38
CA LEU B 70 -14.44 23.66 4.66
C LEU B 70 -15.69 24.15 5.39
N THR B 71 -16.50 23.19 5.87
CA THR B 71 -17.74 23.43 6.61
C THR B 71 -17.63 22.57 7.88
N VAL B 72 -18.63 22.60 8.76
CA VAL B 72 -18.51 21.81 9.99
C VAL B 72 -19.82 21.63 10.77
N ASP B 73 -19.70 20.94 11.91
CA ASP B 73 -20.78 20.65 12.88
C ASP B 73 -21.96 19.77 12.49
N SER B 77 -19.40 16.42 15.44
CA SER B 77 -20.33 15.59 14.63
C SER B 77 -19.94 15.44 13.16
N THR B 78 -19.24 16.42 12.60
CA THR B 78 -18.79 16.36 11.21
C THR B 78 -18.09 17.62 10.84
N ALA B 79 -17.29 17.50 9.79
CA ALA B 79 -16.51 18.58 9.23
C ALA B 79 -16.44 18.05 7.82
N TYR B 80 -16.77 18.88 6.84
CA TYR B 80 -16.77 18.41 5.47
C TYR B 80 -15.73 19.17 4.69
N MET B 81 -15.35 18.60 3.57
CA MET B 81 -14.41 19.26 2.70
C MET B 81 -15.02 19.02 1.35
N GLN B 82 -15.20 20.09 0.61
CA GLN B 82 -15.77 19.97 -0.70
C GLN B 82 -14.67 20.37 -1.64
N LEU B 83 -14.35 19.48 -2.57
CA LEU B 83 -13.34 19.76 -3.58
C LEU B 83 -14.16 20.17 -4.80
N SER B 84 -13.57 20.96 -5.69
CA SER B 84 -14.31 21.41 -6.88
C SER B 84 -13.52 21.33 -8.19
N SER B 85 -14.27 21.05 -9.26
CA SER B 85 -13.74 20.91 -10.63
C SER B 85 -12.59 19.89 -10.75
N LEU B 86 -12.89 18.67 -10.29
CA LEU B 86 -11.97 17.55 -10.25
C LEU B 86 -11.34 17.13 -11.55
N THR B 87 -10.07 16.76 -11.48
CA THR B 87 -9.29 16.29 -12.63
C THR B 87 -8.67 14.95 -12.23
N SER B 88 -7.91 14.32 -13.11
CA SER B 88 -7.27 13.05 -12.77
C SER B 88 -6.21 13.29 -11.70
N GLU B 89 -5.72 14.52 -11.62
CA GLU B 89 -4.71 14.91 -10.64
C GLU B 89 -5.34 14.87 -9.25
N ASP B 90 -6.64 15.15 -9.19
CA ASP B 90 -7.38 15.18 -7.93
C ASP B 90 -7.67 13.81 -7.31
N SER B 91 -7.06 12.76 -7.84
CA SER B 91 -7.30 11.44 -7.30
C SER B 91 -6.20 11.09 -6.32
N ALA B 92 -6.54 11.19 -5.04
CA ALA B 92 -5.59 10.93 -3.99
C ALA B 92 -6.36 10.55 -2.73
N VAL B 93 -5.63 10.25 -1.67
CA VAL B 93 -6.24 9.94 -0.39
C VAL B 93 -6.33 11.25 0.40
N TYR B 94 -7.50 11.54 0.93
CA TYR B 94 -7.72 12.74 1.71
C TYR B 94 -8.02 12.32 3.12
N TYR B 95 -7.33 12.94 4.07
CA TYR B 95 -7.52 12.66 5.50
C TYR B 95 -8.00 13.90 6.23
N CYS B 96 -8.52 13.71 7.43
CA CYS B 96 -8.89 14.83 8.27
C CYS B 96 -8.04 14.50 9.51
N ALA B 97 -7.60 15.51 10.25
CA ALA B 97 -6.73 15.24 11.39
C ALA B 97 -6.61 16.36 12.42
N ASN B 98 -6.30 15.99 13.66
CA ASN B 98 -6.08 16.94 14.74
C ASN B 98 -4.59 16.87 14.94
N LEU B 99 -3.87 17.85 14.41
CA LEU B 99 -2.42 17.86 14.50
C LEU B 99 -1.84 18.76 15.58
N ARG B 100 -2.54 18.91 16.70
CA ARG B 100 -2.08 19.77 17.80
C ARG B 100 -1.02 19.14 18.72
N GLY B 101 0.25 19.31 18.39
CA GLY B 101 1.33 18.79 19.20
C GLY B 101 1.15 17.35 19.65
N TYR B 102 1.06 17.13 20.95
CA TYR B 102 0.89 15.80 21.52
C TYR B 102 -0.50 15.23 21.24
N PHE B 103 -1.34 16.05 20.62
CA PHE B 103 -2.69 15.65 20.27
C PHE B 103 -2.70 15.45 18.76
N ASP B 104 -2.41 14.23 18.33
CA ASP B 104 -2.33 13.93 16.91
C ASP B 104 -3.20 12.75 16.53
N TYR B 105 -4.26 12.99 15.78
CA TYR B 105 -5.17 11.94 15.37
C TYR B 105 -5.60 12.08 13.92
N TRP B 106 -5.45 11.01 13.15
CA TRP B 106 -5.78 10.97 11.72
C TRP B 106 -6.93 10.05 11.36
N GLY B 107 -7.74 10.48 10.39
CA GLY B 107 -8.86 9.69 9.94
C GLY B 107 -8.33 8.59 9.04
N GLN B 108 -9.16 7.61 8.76
CA GLN B 108 -8.75 6.48 7.92
C GLN B 108 -8.37 6.90 6.51
N GLY B 109 -8.93 8.01 6.08
CA GLY B 109 -8.66 8.48 4.73
C GLY B 109 -9.79 8.06 3.81
N THR B 110 -9.98 8.80 2.73
CA THR B 110 -11.03 8.53 1.77
C THR B 110 -10.36 8.57 0.44
N THR B 111 -10.35 7.46 -0.26
CA THR B 111 -9.74 7.40 -1.56
C THR B 111 -10.73 7.90 -2.59
N LEU B 112 -10.34 8.97 -3.29
CA LEU B 112 -11.17 9.62 -4.29
C LEU B 112 -10.66 9.35 -5.71
N THR B 113 -11.30 8.42 -6.41
CA THR B 113 -10.91 8.11 -7.77
C THR B 113 -11.80 8.97 -8.66
N VAL B 114 -11.16 9.79 -9.49
CA VAL B 114 -11.89 10.67 -10.40
C VAL B 114 -11.81 10.04 -11.77
N SER B 115 -12.95 9.56 -12.29
CA SER B 115 -12.96 8.93 -13.60
C SER B 115 -14.31 8.76 -14.23
N SER B 116 -14.31 8.84 -15.55
CA SER B 116 -15.51 8.66 -16.33
C SER B 116 -15.83 7.18 -16.43
N ALA B 117 -14.86 6.34 -16.07
CA ALA B 117 -15.02 4.90 -16.14
C ALA B 117 -16.23 4.39 -15.39
N LYS B 118 -16.69 3.21 -15.80
CA LYS B 118 -17.85 2.59 -15.19
C LYS B 118 -17.43 1.49 -14.23
N THR B 119 -18.02 1.50 -13.05
CA THR B 119 -17.74 0.48 -12.05
C THR B 119 -17.97 -0.88 -12.71
N THR B 120 -17.05 -1.81 -12.50
CA THR B 120 -17.17 -3.13 -13.06
C THR B 120 -16.67 -4.12 -12.02
N PRO B 121 -17.50 -5.11 -11.68
CA PRO B 121 -17.24 -6.16 -10.70
C PRO B 121 -16.15 -7.15 -11.15
N PRO B 122 -15.37 -7.67 -10.18
CA PRO B 122 -14.28 -8.61 -10.41
C PRO B 122 -14.74 -10.02 -10.71
N SER B 123 -13.90 -10.74 -11.46
CA SER B 123 -14.10 -12.13 -11.82
C SER B 123 -13.02 -12.77 -10.97
N VAL B 124 -13.39 -13.80 -10.21
CA VAL B 124 -12.45 -14.46 -9.32
C VAL B 124 -12.20 -15.89 -9.77
N TYR B 125 -10.95 -16.21 -10.07
CA TYR B 125 -10.62 -17.55 -10.50
C TYR B 125 -9.69 -18.12 -9.48
N PRO B 126 -9.88 -19.39 -9.14
CA PRO B 126 -9.06 -20.10 -8.17
C PRO B 126 -7.79 -20.60 -8.83
N LEU B 127 -6.68 -20.61 -8.10
CA LEU B 127 -5.45 -21.12 -8.69
C LEU B 127 -4.91 -22.23 -7.79
N ALA B 128 -5.17 -23.49 -8.19
CA ALA B 128 -4.71 -24.68 -7.45
C ALA B 128 -3.61 -25.29 -8.31
N PRO B 129 -2.66 -25.98 -7.68
CA PRO B 129 -1.58 -26.60 -8.46
C PRO B 129 -2.08 -27.81 -9.27
N THR B 134 -0.07 -31.40 -6.06
CA THR B 134 1.33 -31.85 -6.32
C THR B 134 2.05 -32.23 -5.02
N THR B 135 3.37 -32.02 -4.98
CA THR B 135 4.21 -32.39 -3.83
C THR B 135 4.85 -31.25 -3.02
N GLY B 136 5.20 -31.55 -1.77
CA GLY B 136 5.84 -30.58 -0.88
C GLY B 136 5.50 -30.76 0.59
N SER B 137 6.08 -29.92 1.44
CA SER B 137 5.81 -29.96 2.88
C SER B 137 4.70 -28.98 3.19
N SER B 138 4.35 -28.19 2.19
CA SER B 138 3.29 -27.20 2.28
C SER B 138 2.87 -26.93 0.84
N VAL B 139 1.69 -26.36 0.66
CA VAL B 139 1.19 -26.07 -0.66
C VAL B 139 0.78 -24.61 -0.72
N THR B 140 1.08 -23.97 -1.85
CA THR B 140 0.74 -22.58 -2.12
C THR B 140 -0.45 -22.58 -3.09
N LEU B 141 -1.51 -21.89 -2.70
CA LEU B 141 -2.71 -21.78 -3.49
C LEU B 141 -2.91 -20.27 -3.66
N GLY B 142 -3.87 -19.85 -4.48
CA GLY B 142 -4.09 -18.43 -4.63
C GLY B 142 -5.37 -18.18 -5.40
N CYS B 143 -5.73 -16.91 -5.57
CA CYS B 143 -6.94 -16.55 -6.32
C CYS B 143 -6.53 -15.46 -7.30
N LEU B 144 -7.20 -15.38 -8.44
CA LEU B 144 -6.88 -14.35 -9.40
C LEU B 144 -8.10 -13.48 -9.49
N VAL B 145 -7.96 -12.22 -9.12
CA VAL B 145 -9.07 -11.28 -9.14
C VAL B 145 -8.84 -10.40 -10.35
N LYS B 146 -9.66 -10.51 -11.39
CA LYS B 146 -9.42 -9.65 -12.53
C LYS B 146 -10.64 -8.93 -13.12
N GLY B 147 -10.40 -7.83 -13.83
CA GLY B 147 -11.47 -7.08 -14.47
C GLY B 147 -12.18 -6.05 -13.64
N TYR B 148 -11.69 -5.74 -12.46
CA TYR B 148 -12.43 -4.77 -11.67
C TYR B 148 -12.06 -3.30 -11.80
N PHE B 149 -13.03 -2.47 -11.45
CA PHE B 149 -12.84 -1.04 -11.42
C PHE B 149 -13.91 -0.49 -10.50
N PRO B 150 -13.53 0.43 -9.60
CA PRO B 150 -12.18 0.97 -9.38
C PRO B 150 -11.39 0.05 -8.44
N GLU B 151 -10.19 0.46 -8.04
CA GLU B 151 -9.39 -0.36 -7.12
C GLU B 151 -10.22 -0.53 -5.85
N SER B 152 -9.57 -1.03 -4.81
CA SER B 152 -10.23 -1.28 -3.54
C SER B 152 -11.07 -2.55 -3.67
N VAL B 153 -10.41 -3.63 -3.29
CA VAL B 153 -10.92 -4.97 -3.30
C VAL B 153 -10.17 -5.54 -2.10
N THR B 154 -10.80 -6.44 -1.39
CA THR B 154 -10.13 -7.03 -0.25
C THR B 154 -10.25 -8.51 -0.43
N VAL B 155 -9.15 -9.23 -0.26
CA VAL B 155 -9.15 -10.67 -0.40
C VAL B 155 -8.75 -11.25 0.94
N THR B 156 -9.60 -12.15 1.44
CA THR B 156 -9.34 -12.81 2.70
C THR B 156 -9.33 -14.31 2.51
N TRP B 157 -8.78 -15.02 3.48
CA TRP B 157 -8.69 -16.45 3.41
C TRP B 157 -9.32 -17.07 4.65
N ASN B 158 -10.41 -17.79 4.42
CA ASN B 158 -11.21 -18.41 5.47
C ASN B 158 -11.87 -17.35 6.35
N SER B 159 -12.56 -16.43 5.67
CA SER B 159 -13.22 -15.29 6.29
C SER B 159 -12.20 -14.44 7.03
N GLY B 160 -10.93 -14.63 6.68
CA GLY B 160 -9.87 -13.86 7.29
C GLY B 160 -9.19 -14.55 8.43
N SER B 161 -9.51 -15.81 8.71
CA SER B 161 -8.87 -16.49 9.80
C SER B 161 -7.48 -17.02 9.45
N LEU B 162 -7.18 -17.08 8.16
CA LEU B 162 -5.87 -17.54 7.71
C LEU B 162 -5.10 -16.29 7.30
N SER B 163 -4.18 -15.85 8.13
CA SER B 163 -3.42 -14.67 7.80
C SER B 163 -1.91 -14.84 7.78
N SER B 164 -1.40 -15.81 8.53
CA SER B 164 0.02 -16.07 8.65
C SER B 164 0.87 -16.11 7.38
N SER B 165 0.35 -16.74 6.32
CA SER B 165 1.11 -16.90 5.07
C SER B 165 0.46 -16.35 3.80
N VAL B 166 -0.26 -15.24 3.92
CA VAL B 166 -0.97 -14.60 2.81
C VAL B 166 -0.21 -13.44 2.15
N HIS B 167 0.11 -13.56 0.87
CA HIS B 167 0.78 -12.47 0.17
C HIS B 167 -0.24 -11.88 -0.79
N THR B 168 -0.62 -10.61 -0.57
CA THR B 168 -1.55 -9.97 -1.48
C THR B 168 -0.69 -9.09 -2.39
N PHE B 169 -0.87 -9.24 -3.68
CA PHE B 169 -0.07 -8.53 -4.65
C PHE B 169 -0.83 -7.32 -5.18
N PRO B 170 -0.17 -6.15 -5.23
CA PRO B 170 -0.75 -4.91 -5.70
C PRO B 170 -1.46 -5.05 -7.03
N ALA B 171 -2.52 -4.26 -7.19
CA ALA B 171 -3.34 -4.23 -8.40
C ALA B 171 -2.70 -3.49 -9.56
N LEU B 172 -2.59 -4.17 -10.70
CA LEU B 172 -2.03 -3.60 -11.92
C LEU B 172 -3.18 -3.23 -12.84
N LEU B 173 -2.96 -2.25 -13.69
CA LEU B 173 -4.00 -1.78 -14.59
C LEU B 173 -3.83 -2.43 -15.95
N GLN B 174 -4.56 -3.50 -16.19
CA GLN B 174 -4.47 -4.20 -17.47
C GLN B 174 -5.70 -3.89 -18.32
N SER B 175 -5.47 -3.20 -19.42
CA SER B 175 -6.53 -2.84 -20.37
C SER B 175 -7.72 -2.07 -19.77
N GLY B 176 -7.42 -1.05 -18.97
CA GLY B 176 -8.48 -0.24 -18.36
C GLY B 176 -9.22 -0.83 -17.16
N LEU B 177 -8.78 -1.99 -16.69
CA LEU B 177 -9.40 -2.62 -15.56
C LEU B 177 -8.29 -3.21 -14.73
N TYR B 178 -8.51 -3.26 -13.43
CA TYR B 178 -7.53 -3.78 -12.50
C TYR B 178 -7.49 -5.30 -12.44
N THR B 179 -6.37 -5.81 -11.96
CA THR B 179 -6.13 -7.23 -11.79
C THR B 179 -5.21 -7.40 -10.58
N MET B 180 -5.36 -8.51 -9.85
CA MET B 180 -4.51 -8.82 -8.72
C MET B 180 -4.68 -10.26 -8.26
N SER B 181 -3.67 -10.77 -7.56
CA SER B 181 -3.73 -12.13 -7.08
C SER B 181 -3.31 -12.08 -5.65
N SER B 182 -3.68 -13.12 -4.93
CA SER B 182 -3.31 -13.25 -3.53
C SER B 182 -2.86 -14.72 -3.46
N SER B 183 -1.91 -15.03 -2.59
CA SER B 183 -1.48 -16.42 -2.44
C SER B 183 -1.50 -16.76 -0.97
N VAL B 184 -1.67 -18.05 -0.66
CA VAL B 184 -1.66 -18.53 0.71
C VAL B 184 -0.98 -19.88 0.68
N THR B 185 -0.17 -20.14 1.69
CA THR B 185 0.54 -21.40 1.81
C THR B 185 0.12 -22.13 3.09
N VAL B 186 -0.46 -23.30 2.94
CA VAL B 186 -0.89 -24.10 4.07
C VAL B 186 -0.04 -25.37 4.06
N PRO B 187 -0.08 -26.16 5.14
CA PRO B 187 0.71 -27.40 5.14
C PRO B 187 0.07 -28.40 4.17
N SER B 188 0.85 -29.31 3.59
CA SER B 188 0.32 -30.28 2.60
C SER B 188 -0.78 -31.19 3.08
N SER B 189 -0.62 -31.77 4.25
CA SER B 189 -1.61 -32.67 4.83
C SER B 189 -2.98 -32.03 5.07
N THR B 190 -3.08 -30.71 5.00
CA THR B 190 -4.36 -30.06 5.25
C THR B 190 -5.12 -29.72 3.98
N TRP B 191 -4.48 -29.91 2.83
CA TRP B 191 -5.17 -29.64 1.59
C TRP B 191 -4.83 -30.77 0.64
N PRO B 192 -5.85 -31.33 -0.05
CA PRO B 192 -7.27 -30.92 0.00
C PRO B 192 -8.11 -31.45 1.16
N SER B 193 -7.47 -32.04 2.18
CA SER B 193 -8.20 -32.57 3.34
C SER B 193 -9.17 -31.54 3.89
N GLN B 194 -8.75 -30.29 3.94
CA GLN B 194 -9.57 -29.17 4.39
C GLN B 194 -9.60 -28.19 3.26
N THR B 195 -10.76 -27.60 3.00
CA THR B 195 -10.78 -26.62 1.94
C THR B 195 -10.44 -25.24 2.45
N VAL B 196 -9.74 -24.49 1.63
CA VAL B 196 -9.46 -23.11 1.96
C VAL B 196 -10.34 -22.44 0.92
N THR B 197 -10.80 -21.23 1.21
CA THR B 197 -11.60 -20.51 0.24
C THR B 197 -11.19 -19.07 0.35
N CYS B 198 -11.10 -18.39 -0.78
CA CYS B 198 -10.70 -17.01 -0.73
C CYS B 198 -11.93 -16.16 -0.91
N SER B 199 -12.00 -15.07 -0.16
CA SER B 199 -13.12 -14.15 -0.24
C SER B 199 -12.69 -12.85 -0.85
N VAL B 200 -13.36 -12.44 -1.91
CA VAL B 200 -13.03 -11.20 -2.54
C VAL B 200 -14.24 -10.28 -2.45
N ALA B 201 -14.01 -9.08 -1.92
CA ALA B 201 -15.07 -8.10 -1.76
C ALA B 201 -14.76 -6.84 -2.53
N HIS B 202 -15.60 -6.54 -3.50
CA HIS B 202 -15.43 -5.30 -4.25
C HIS B 202 -16.64 -4.55 -3.76
N PRO B 203 -16.43 -3.47 -2.99
CA PRO B 203 -17.53 -2.66 -2.46
C PRO B 203 -18.17 -1.69 -3.43
N ALA B 204 -17.37 -1.15 -4.36
CA ALA B 204 -17.88 -0.22 -5.38
C ALA B 204 -19.13 -0.80 -6.06
N SER B 205 -18.99 -2.04 -6.56
CA SER B 205 -20.12 -2.79 -7.09
C SER B 205 -20.32 -3.48 -5.74
N SER B 206 -21.53 -3.71 -5.25
CA SER B 206 -21.58 -4.36 -3.93
C SER B 206 -21.43 -5.87 -4.12
N THR B 207 -20.20 -6.28 -4.41
CA THR B 207 -19.89 -7.65 -4.69
C THR B 207 -19.09 -8.30 -3.58
N THR B 208 -19.39 -9.57 -3.34
CA THR B 208 -18.71 -10.40 -2.37
C THR B 208 -18.85 -11.77 -2.98
N VAL B 209 -17.72 -12.38 -3.35
CA VAL B 209 -17.71 -13.72 -3.94
C VAL B 209 -16.65 -14.55 -3.26
N ASP B 210 -17.00 -15.80 -2.96
CA ASP B 210 -16.06 -16.69 -2.35
C ASP B 210 -15.73 -17.68 -3.43
N LYS B 211 -14.57 -18.30 -3.30
CA LYS B 211 -14.16 -19.30 -4.24
C LYS B 211 -13.49 -20.40 -3.46
N LYS B 212 -14.07 -21.60 -3.51
CA LYS B 212 -13.51 -22.75 -2.81
C LYS B 212 -12.35 -23.32 -3.60
N LEU B 213 -11.27 -23.68 -2.90
CA LEU B 213 -10.11 -24.24 -3.57
C LEU B 213 -10.06 -25.74 -3.58
N GLU B 214 -10.55 -26.30 -4.68
CA GLU B 214 -10.60 -27.74 -4.93
C GLU B 214 -9.53 -28.13 -5.94
N PRO B 215 -9.10 -29.41 -5.95
CA PRO B 215 -8.08 -29.89 -6.89
C PRO B 215 -8.63 -29.98 -8.31
ZN ZN C . 4.09 -24.48 -29.29
S SO4 D . 2.89 24.27 22.24
O1 SO4 D . 3.73 23.08 21.99
O2 SO4 D . 3.56 25.50 21.81
O3 SO4 D . 1.67 24.16 21.41
O4 SO4 D . 2.61 24.33 23.70
N1 IMD E . 3.32 -26.11 -30.64
C2 IMD E . 2.66 -25.90 -31.77
N3 IMD E . 2.11 -27.02 -32.24
C4 IMD E . 2.44 -28.02 -31.36
C5 IMD E . 3.19 -27.45 -30.38
#